data_7XKA
#
_entry.id   7XKA
#
_cell.length_a   49.600
_cell.length_b   66.560
_cell.length_c   302.720
_cell.angle_alpha   90.000
_cell.angle_beta   90.000
_cell.angle_gamma   90.000
#
_symmetry.space_group_name_H-M   'P 21 21 21'
#
loop_
_entity.id
_entity.type
_entity.pdbx_description
1 polymer 'Endolysin,Beta-2 adrenergic receptor'
2 polymer 'Camelid Antibody Fragment'
3 non-polymer (5R,6R)-6-(methylamino)-5,6,7,8-tetrahydronaphthalene-1,2,5-triol
4 non-polymer 'SODIUM ION'
5 water water
#
loop_
_entity_poly.entity_id
_entity_poly.type
_entity_poly.pdbx_seq_one_letter_code
_entity_poly.pdbx_strand_id
1 'polypeptide(L)'
;DYKDDDDAENLYFQGNIFEMLRIDEGLRLKIYKDTEGYYTIGIGHLLTKSPSLNAAKSELDKAIGRNTNGVITKDEAEKL
FNQDVDAAVRGILRNAKLKPVYDSLDAVRRAALINMVFQMGETGVAGFTNSLRMLQQKRWDEAAVNLAKSRWYNQTPNRA
KRVITTFRTGTWDAYAADEVWVVGMGIVMSLIVLAIVFGNVLVITAIAKFERLQTVTNYFITSLACADLVMGLAVVPFGA
AHILTKTWTFGNFWCEFWTSIDVLCVTASIETLCVIAVDRYFAITSPFKYQSLLTKNKARVIILMVWIVSGLTSFLPIQM
HWYRATHQEAINCYAEETCCDFFTNQAYAIASSIVSFYVPLVIMVFVYSRVFQEAKRQLQKIDKFALKEHKALKTLGIIM
GTFTLCWLPFFIVNIVHVIQDNLIRKEVYILLNWIGYVNSGFNPLIYCRSPDFRIAFQELLCLRRSSLK
;
A
2 'polypeptide(L)'
;QVQLQESGGGLVQAGGSLRLSCAASGSIFALNIMGWYRQAPGKQRELVAAIHSGGTTNYANSVKGRFTISRDNAANTVYL
QMNSLKPEDTAVYYCNVKDFGAIIYDYDYWGQGTQVTVSS
;
B
#
loop_
_chem_comp.id
_chem_comp.type
_chem_comp.name
_chem_comp.formula
G1I non-polymer (5R,6R)-6-(methylamino)-5,6,7,8-tetrahydronaphthalene-1,2,5-triol 'C11 H15 N O3'
NA non-polymer 'SODIUM ION' 'Na 1'
#
# COMPACT_ATOMS: atom_id res chain seq x y z
N ASP A 7 32.33 -33.05 1.77
CA ASP A 7 31.63 -31.94 2.39
C ASP A 7 31.91 -30.62 1.65
N ALA A 8 32.31 -29.60 2.40
CA ALA A 8 32.55 -28.26 1.86
C ALA A 8 31.29 -27.70 1.19
N GLU A 9 30.16 -27.83 1.87
CA GLU A 9 28.86 -27.40 1.37
C GLU A 9 28.30 -26.33 2.29
N ASN A 10 28.46 -25.07 1.89
CA ASN A 10 27.88 -23.93 2.60
C ASN A 10 27.18 -23.00 1.61
N LEU A 11 26.40 -23.60 0.72
CA LEU A 11 25.43 -22.89 -0.09
C LEU A 11 24.12 -22.80 0.69
N TYR A 12 23.05 -22.37 0.05
CA TYR A 12 21.76 -22.30 0.71
C TYR A 12 21.01 -23.62 0.56
N PHE A 13 20.23 -23.94 1.60
CA PHE A 13 19.44 -25.18 1.69
C PHE A 13 20.33 -26.43 1.57
N GLN A 14 21.13 -26.62 2.62
CA GLN A 14 21.67 -27.96 2.84
C GLN A 14 20.53 -28.94 3.13
N GLY A 15 20.83 -30.22 2.98
CA GLY A 15 19.84 -31.25 3.25
C GLY A 15 19.93 -31.79 4.66
N ASN A 16 18.86 -31.62 5.45
CA ASN A 16 18.86 -32.09 6.83
C ASN A 16 17.42 -32.14 7.35
N ILE A 17 17.24 -32.97 8.38
CA ILE A 17 15.95 -33.03 9.07
C ILE A 17 15.66 -31.72 9.79
N PHE A 18 16.70 -30.94 10.11
CA PHE A 18 16.51 -29.68 10.83
C PHE A 18 15.71 -28.68 10.01
N GLU A 19 16.12 -28.46 8.75
CA GLU A 19 15.41 -27.50 7.90
C GLU A 19 14.15 -28.11 7.31
N MET A 20 14.10 -29.44 7.17
CA MET A 20 12.89 -30.10 6.70
C MET A 20 11.75 -29.91 7.69
N LEU A 21 12.00 -30.20 8.96
CA LEU A 21 10.98 -30.02 9.99
C LEU A 21 10.66 -28.56 10.23
N ARG A 22 11.65 -27.67 10.08
CA ARG A 22 11.41 -26.25 10.24
C ARG A 22 10.36 -25.74 9.28
N ILE A 23 10.16 -26.41 8.15
CA ILE A 23 9.16 -26.01 7.16
C ILE A 23 7.79 -26.60 7.49
N ASP A 24 7.75 -27.85 7.94
CA ASP A 24 6.48 -28.48 8.26
C ASP A 24 5.87 -27.94 9.54
N GLU A 25 6.70 -27.57 10.51
CA GLU A 25 6.21 -27.12 11.81
C GLU A 25 6.11 -25.60 11.92
N GLY A 26 7.14 -24.89 11.51
CA GLY A 26 7.17 -23.45 11.69
C GLY A 26 7.43 -23.06 13.13
N LEU A 27 8.08 -21.92 13.33
CA LEU A 27 8.49 -21.47 14.65
C LEU A 27 7.41 -20.57 15.24
N ARG A 28 6.92 -20.94 16.43
CA ARG A 28 5.92 -20.15 17.16
C ARG A 28 6.35 -20.08 18.61
N LEU A 29 6.50 -18.86 19.14
CA LEU A 29 6.99 -18.69 20.51
C LEU A 29 5.90 -18.83 21.56
N LYS A 30 4.63 -18.62 21.20
CA LYS A 30 3.51 -18.72 22.13
C LYS A 30 2.79 -20.04 21.92
N ILE A 31 2.17 -20.55 22.99
CA ILE A 31 1.43 -21.80 22.89
C ILE A 31 0.33 -21.69 21.85
N TYR A 32 0.15 -22.74 21.06
CA TYR A 32 -0.89 -22.76 20.04
C TYR A 32 -1.43 -24.18 19.90
N LYS A 33 -2.64 -24.27 19.37
CA LYS A 33 -3.27 -25.57 19.10
C LYS A 33 -2.93 -26.00 17.67
N ASP A 34 -2.42 -27.22 17.54
CA ASP A 34 -2.00 -27.74 16.24
C ASP A 34 -3.24 -28.04 15.39
N THR A 35 -3.01 -28.63 14.23
CA THR A 35 -4.12 -28.93 13.32
C THR A 35 -5.18 -29.81 13.98
N GLU A 36 -4.78 -30.64 14.94
CA GLU A 36 -5.74 -31.49 15.65
C GLU A 36 -6.41 -30.73 16.80
N GLY A 37 -5.64 -29.95 17.55
CA GLY A 37 -6.16 -29.24 18.71
C GLY A 37 -5.34 -29.46 19.96
N TYR A 38 -4.13 -29.99 19.78
CA TYR A 38 -3.23 -30.26 20.89
C TYR A 38 -2.33 -29.05 21.17
N TYR A 39 -1.99 -28.86 22.44
CA TYR A 39 -1.19 -27.72 22.84
C TYR A 39 0.27 -27.90 22.41
N THR A 40 0.76 -26.98 21.59
CA THR A 40 2.08 -27.07 20.99
C THR A 40 2.77 -25.71 21.10
N ILE A 41 4.10 -25.75 21.21
CA ILE A 41 4.91 -24.54 21.25
C ILE A 41 6.19 -24.78 20.46
N GLY A 42 6.91 -23.69 20.18
CA GLY A 42 8.21 -23.81 19.55
C GLY A 42 8.08 -24.34 18.14
N ILE A 43 8.93 -25.30 17.79
CA ILE A 43 8.86 -25.93 16.48
C ILE A 43 8.26 -27.33 16.62
N GLY A 44 6.94 -27.41 16.50
CA GLY A 44 6.24 -28.70 16.59
C GLY A 44 6.49 -29.48 17.86
N HIS A 45 6.55 -28.80 19.00
CA HIS A 45 6.79 -29.45 20.29
C HIS A 45 5.45 -29.73 20.97
N LEU A 46 5.09 -31.01 21.05
CA LEU A 46 3.88 -31.39 21.76
C LEU A 46 4.07 -31.18 23.25
N LEU A 47 3.19 -30.38 23.86
CA LEU A 47 3.28 -30.06 25.28
C LEU A 47 2.57 -31.11 26.13
N THR A 48 1.27 -31.30 25.90
CA THR A 48 0.50 -32.29 26.65
C THR A 48 -0.77 -32.60 25.88
N LYS A 49 -1.38 -33.73 26.21
CA LYS A 49 -2.67 -34.11 25.66
C LYS A 49 -3.83 -33.64 26.51
N SER A 50 -3.57 -33.14 27.71
CA SER A 50 -4.63 -32.58 28.53
C SER A 50 -5.13 -31.28 27.90
N PRO A 51 -6.44 -31.11 27.72
CA PRO A 51 -6.95 -29.94 26.98
C PRO A 51 -7.01 -28.66 27.80
N SER A 52 -6.47 -28.64 29.01
CA SER A 52 -6.46 -27.44 29.85
C SER A 52 -5.15 -26.70 29.65
N LEU A 53 -5.24 -25.43 29.22
CA LEU A 53 -4.05 -24.65 28.92
C LEU A 53 -3.11 -24.56 30.12
N ASN A 54 -3.64 -24.65 31.33
CA ASN A 54 -2.78 -24.58 32.51
C ASN A 54 -1.96 -25.85 32.69
N ALA A 55 -2.46 -26.99 32.21
CA ALA A 55 -1.65 -28.21 32.22
C ALA A 55 -0.57 -28.15 31.16
N ALA A 56 -0.79 -27.39 30.09
CA ALA A 56 0.24 -27.21 29.07
C ALA A 56 1.37 -26.34 29.59
N LYS A 57 1.04 -25.22 30.27
CA LYS A 57 2.08 -24.36 30.84
C LYS A 57 2.94 -25.12 31.85
N SER A 58 2.32 -26.03 32.61
CA SER A 58 3.04 -26.77 33.65
C SER A 58 4.16 -27.62 33.07
N GLU A 59 3.85 -28.38 32.00
CA GLU A 59 4.89 -29.14 31.31
C GLU A 59 5.93 -28.22 30.69
N LEU A 60 5.48 -27.13 30.06
CA LEU A 60 6.40 -26.18 29.44
C LEU A 60 7.34 -25.57 30.47
N ASP A 61 6.78 -25.13 31.60
CA ASP A 61 7.61 -24.53 32.65
C ASP A 61 8.58 -25.52 33.26
N LYS A 62 8.20 -26.81 33.32
CA LYS A 62 9.13 -27.83 33.79
C LYS A 62 10.18 -28.15 32.74
N ALA A 63 9.78 -28.20 31.47
CA ALA A 63 10.71 -28.53 30.38
C ALA A 63 11.65 -27.40 30.03
N ILE A 64 11.38 -26.18 30.49
CA ILE A 64 12.28 -25.04 30.27
C ILE A 64 13.04 -24.78 31.56
N GLY A 65 12.39 -25.04 32.70
CA GLY A 65 12.97 -24.69 33.98
C GLY A 65 12.88 -23.20 34.25
N ARG A 66 11.67 -22.66 34.12
CA ARG A 66 11.42 -21.22 34.23
C ARG A 66 9.92 -21.03 34.17
N ASN A 67 9.45 -19.90 34.70
CA ASN A 67 8.06 -19.49 34.54
C ASN A 67 7.91 -18.82 33.17
N THR A 68 7.46 -19.59 32.19
CA THR A 68 7.37 -19.09 30.82
C THR A 68 6.11 -18.27 30.56
N ASN A 69 5.04 -18.48 31.33
CA ASN A 69 3.74 -17.91 31.05
C ASN A 69 3.22 -18.36 29.68
N GLY A 70 3.70 -19.51 29.20
CA GLY A 70 3.31 -20.02 27.92
C GLY A 70 4.06 -19.45 26.74
N VAL A 71 5.12 -18.68 26.97
CA VAL A 71 5.89 -18.05 25.90
C VAL A 71 7.37 -18.29 26.16
N ILE A 72 8.06 -18.82 25.16
CA ILE A 72 9.49 -19.05 25.24
C ILE A 72 10.21 -18.10 24.29
N THR A 73 11.54 -18.12 24.35
CA THR A 73 12.40 -17.30 23.50
C THR A 73 12.86 -18.11 22.30
N LYS A 74 13.33 -17.39 21.28
CA LYS A 74 13.84 -18.05 20.08
C LYS A 74 14.99 -19.00 20.41
N ASP A 75 15.80 -18.66 21.42
CA ASP A 75 16.86 -19.56 21.87
C ASP A 75 16.27 -20.84 22.47
N GLU A 76 15.32 -20.70 23.39
CA GLU A 76 14.72 -21.87 24.02
C GLU A 76 14.03 -22.77 23.01
N ALA A 77 13.40 -22.17 22.00
CA ALA A 77 12.73 -22.96 20.98
C ALA A 77 13.72 -23.80 20.18
N GLU A 78 14.90 -23.25 19.89
CA GLU A 78 15.90 -24.00 19.14
C GLU A 78 16.45 -25.17 19.94
N LYS A 79 16.47 -25.06 21.27
CA LYS A 79 16.96 -26.15 22.09
C LYS A 79 15.91 -27.22 22.33
N LEU A 80 14.62 -26.84 22.35
CA LEU A 80 13.57 -27.85 22.35
C LEU A 80 13.46 -28.53 20.99
N PHE A 81 13.76 -27.82 19.91
CA PHE A 81 13.74 -28.42 18.58
C PHE A 81 14.79 -29.52 18.47
N ASN A 82 16.03 -29.21 18.84
CA ASN A 82 17.09 -30.20 18.75
C ASN A 82 16.82 -31.38 19.70
N GLN A 83 16.37 -31.09 20.92
CA GLN A 83 16.06 -32.16 21.85
C GLN A 83 15.00 -33.09 21.29
N ASP A 84 13.93 -32.51 20.73
CA ASP A 84 12.89 -33.34 20.12
C ASP A 84 13.43 -34.11 18.92
N VAL A 85 14.31 -33.49 18.14
CA VAL A 85 14.93 -34.18 17.02
C VAL A 85 15.87 -35.26 17.52
N ASP A 86 16.75 -34.91 18.47
CA ASP A 86 17.70 -35.89 19.01
C ASP A 86 16.99 -37.01 19.76
N ALA A 87 15.75 -36.81 20.18
CA ALA A 87 14.99 -37.87 20.83
C ALA A 87 14.28 -38.76 19.83
N ALA A 88 13.79 -38.19 18.71
CA ALA A 88 13.21 -39.02 17.66
C ALA A 88 14.20 -40.06 17.18
N VAL A 89 15.46 -39.68 17.01
CA VAL A 89 16.48 -40.60 16.53
C VAL A 89 16.76 -41.68 17.58
N ARG A 90 16.88 -41.28 18.85
CA ARG A 90 17.05 -42.27 19.91
C ARG A 90 15.91 -43.28 19.92
N GLY A 91 14.69 -42.81 19.73
CA GLY A 91 13.56 -43.73 19.67
C GLY A 91 13.61 -44.66 18.48
N ILE A 92 14.16 -44.18 17.36
CA ILE A 92 14.30 -45.05 16.18
C ILE A 92 15.30 -46.17 16.46
N LEU A 93 16.36 -45.87 17.21
CA LEU A 93 17.39 -46.87 17.47
C LEU A 93 16.99 -47.82 18.60
N ARG A 94 16.17 -47.38 19.54
CA ARG A 94 15.67 -48.24 20.60
C ARG A 94 14.54 -49.15 20.15
N ASN A 95 14.05 -49.01 18.92
CA ASN A 95 12.87 -49.70 18.45
C ASN A 95 13.24 -50.84 17.51
N ALA A 96 12.50 -51.94 17.60
CA ALA A 96 12.85 -53.14 16.84
C ALA A 96 12.41 -53.05 15.39
N LYS A 97 11.27 -52.40 15.13
CA LYS A 97 10.81 -52.24 13.75
C LYS A 97 11.50 -51.09 13.03
N LEU A 98 12.04 -50.11 13.76
CA LEU A 98 12.58 -48.90 13.15
C LEU A 98 14.09 -48.98 12.90
N LYS A 99 14.83 -49.64 13.80
CA LYS A 99 16.29 -49.70 13.64
C LYS A 99 16.73 -50.35 12.34
N PRO A 100 16.18 -51.49 11.90
CA PRO A 100 16.63 -52.03 10.60
C PRO A 100 16.28 -51.12 9.44
N VAL A 101 15.04 -50.62 9.41
CA VAL A 101 14.60 -49.74 8.32
C VAL A 101 15.43 -48.47 8.30
N TYR A 102 15.77 -47.94 9.49
CA TYR A 102 16.54 -46.70 9.55
C TYR A 102 17.94 -46.89 8.96
N ASP A 103 18.61 -47.98 9.31
CA ASP A 103 19.90 -48.30 8.69
C ASP A 103 19.73 -48.50 7.19
N SER A 104 18.76 -49.32 6.80
CA SER A 104 18.54 -49.62 5.39
C SER A 104 18.28 -48.36 4.56
N LEU A 105 17.79 -47.30 5.20
CA LEU A 105 17.48 -46.07 4.48
C LEU A 105 18.74 -45.28 4.20
N ASP A 106 18.70 -44.50 3.11
CA ASP A 106 19.76 -43.58 2.78
C ASP A 106 19.59 -42.29 3.57
N ALA A 107 20.46 -41.31 3.30
CA ALA A 107 20.49 -40.11 4.12
C ALA A 107 19.20 -39.32 4.02
N VAL A 108 18.74 -39.04 2.79
CA VAL A 108 17.57 -38.18 2.59
C VAL A 108 16.31 -38.89 3.08
N ARG A 109 16.23 -40.21 2.87
CA ARG A 109 15.07 -40.95 3.34
C ARG A 109 15.12 -41.23 4.84
N ARG A 110 16.31 -41.20 5.45
CA ARG A 110 16.38 -41.23 6.91
C ARG A 110 15.67 -40.02 7.51
N ALA A 111 15.85 -38.85 6.89
CA ALA A 111 15.17 -37.65 7.38
C ALA A 111 13.66 -37.81 7.32
N ALA A 112 13.16 -38.44 6.27
CA ALA A 112 11.72 -38.67 6.16
C ALA A 112 11.23 -39.57 7.30
N LEU A 113 12.03 -40.57 7.67
CA LEU A 113 11.65 -41.43 8.80
C LEU A 113 11.70 -40.68 10.11
N ILE A 114 12.75 -39.88 10.33
CA ILE A 114 12.85 -39.06 11.53
C ILE A 114 11.69 -38.08 11.59
N ASN A 115 11.27 -37.56 10.43
CA ASN A 115 10.15 -36.61 10.36
C ASN A 115 8.88 -37.23 10.94
N MET A 116 8.61 -38.48 10.58
CA MET A 116 7.41 -39.15 11.11
C MET A 116 7.54 -39.39 12.61
N VAL A 117 8.71 -39.87 13.06
CA VAL A 117 8.92 -40.13 14.47
C VAL A 117 8.87 -38.84 15.27
N PHE A 118 9.32 -37.73 14.69
CA PHE A 118 9.19 -36.44 15.36
C PHE A 118 7.74 -36.08 15.61
N GLN A 119 6.84 -36.49 14.73
CA GLN A 119 5.44 -36.09 14.82
C GLN A 119 4.55 -37.09 15.55
N MET A 120 4.96 -38.36 15.62
CA MET A 120 4.10 -39.40 16.17
C MET A 120 4.79 -40.34 17.15
N GLY A 121 6.07 -40.14 17.45
CA GLY A 121 6.76 -40.93 18.44
C GLY A 121 7.16 -42.31 17.95
N GLU A 122 8.09 -42.92 18.69
CA GLU A 122 8.63 -44.22 18.30
C GLU A 122 7.52 -45.26 18.18
N THR A 123 6.62 -45.31 19.15
CA THR A 123 5.56 -46.32 19.16
C THR A 123 4.62 -46.15 17.96
N GLY A 124 4.31 -44.91 17.60
CA GLY A 124 3.34 -44.68 16.54
C GLY A 124 3.88 -45.04 15.16
N VAL A 125 5.10 -44.58 14.86
CA VAL A 125 5.69 -44.84 13.55
C VAL A 125 5.98 -46.32 13.38
N ALA A 126 6.35 -47.02 14.46
CA ALA A 126 6.52 -48.47 14.39
C ALA A 126 5.22 -49.22 14.11
N GLY A 127 4.08 -48.52 14.12
CA GLY A 127 2.83 -49.15 13.77
C GLY A 127 2.61 -49.36 12.29
N PHE A 128 3.30 -48.60 11.44
CA PHE A 128 3.23 -48.78 9.99
C PHE A 128 4.03 -50.01 9.60
N THR A 129 3.49 -51.18 9.96
CA THR A 129 4.22 -52.42 9.75
C THR A 129 4.43 -52.71 8.27
N ASN A 130 3.40 -52.54 7.46
CA ASN A 130 3.51 -52.86 6.04
C ASN A 130 4.35 -51.83 5.28
N SER A 131 4.12 -50.54 5.54
CA SER A 131 4.88 -49.52 4.84
C SER A 131 6.36 -49.55 5.22
N LEU A 132 6.65 -49.85 6.49
CA LEU A 132 8.06 -50.04 6.88
C LEU A 132 8.65 -51.27 6.21
N ARG A 133 7.85 -52.31 6.02
CA ARG A 133 8.32 -53.49 5.28
C ARG A 133 8.62 -53.14 3.84
N MET A 134 7.85 -52.20 3.27
CA MET A 134 8.10 -51.78 1.89
C MET A 134 9.33 -50.90 1.79
N LEU A 135 9.52 -50.00 2.76
CA LEU A 135 10.76 -49.21 2.79
C LEU A 135 11.96 -50.10 3.07
N GLN A 136 11.75 -51.23 3.76
CA GLN A 136 12.83 -52.18 4.00
C GLN A 136 13.38 -52.73 2.69
N GLN A 137 12.50 -53.24 1.84
CA GLN A 137 12.88 -53.82 0.56
C GLN A 137 13.01 -52.75 -0.54
N LYS A 138 13.04 -51.48 -0.17
CA LYS A 138 13.31 -50.37 -1.10
C LYS A 138 12.21 -50.22 -2.15
N ARG A 139 10.98 -50.57 -1.79
CA ARG A 139 9.83 -50.40 -2.70
C ARG A 139 9.20 -49.05 -2.39
N TRP A 140 9.88 -47.98 -2.85
CA TRP A 140 9.47 -46.64 -2.49
C TRP A 140 8.09 -46.30 -3.02
N ASP A 141 7.88 -46.47 -4.33
CA ASP A 141 6.61 -46.10 -4.94
C ASP A 141 5.44 -46.85 -4.31
N GLU A 142 5.67 -48.08 -3.83
CA GLU A 142 4.62 -48.87 -3.21
C GLU A 142 4.33 -48.40 -1.79
N ALA A 143 5.35 -47.91 -1.06
CA ALA A 143 5.09 -47.33 0.25
C ALA A 143 4.45 -45.96 0.15
N ALA A 144 4.76 -45.21 -0.92
CA ALA A 144 4.13 -43.92 -1.14
C ALA A 144 2.63 -44.06 -1.31
N VAL A 145 2.20 -45.13 -1.98
CA VAL A 145 0.77 -45.38 -2.13
C VAL A 145 0.16 -45.84 -0.82
N ASN A 146 0.84 -46.74 -0.12
CA ASN A 146 0.30 -47.32 1.10
C ASN A 146 0.17 -46.26 2.20
N LEU A 147 1.21 -45.46 2.39
CA LEU A 147 1.20 -44.44 3.45
C LEU A 147 0.10 -43.41 3.23
N ALA A 148 -0.27 -43.16 1.98
CA ALA A 148 -1.30 -42.18 1.65
C ALA A 148 -2.71 -42.67 1.92
N LYS A 149 -2.87 -43.78 2.65
CA LYS A 149 -4.16 -44.32 3.00
C LYS A 149 -4.43 -44.29 4.50
N SER A 150 -3.65 -43.55 5.28
CA SER A 150 -3.63 -43.67 6.74
C SER A 150 -4.24 -42.46 7.41
N ARG A 151 -4.43 -42.58 8.73
CA ARG A 151 -4.87 -41.45 9.54
C ARG A 151 -3.92 -40.28 9.42
N TRP A 152 -2.61 -40.56 9.37
CA TRP A 152 -1.61 -39.51 9.30
C TRP A 152 -1.78 -38.65 8.05
N TYR A 153 -2.06 -39.29 6.91
CA TYR A 153 -2.26 -38.55 5.67
C TYR A 153 -3.57 -37.78 5.67
N ASN A 154 -4.59 -38.28 6.38
CA ASN A 154 -5.89 -37.64 6.36
C ASN A 154 -5.88 -36.33 7.15
N GLN A 155 -5.13 -36.28 8.26
CA GLN A 155 -5.17 -35.11 9.13
C GLN A 155 -4.29 -33.98 8.62
N THR A 156 -3.10 -34.30 8.12
CA THR A 156 -2.17 -33.30 7.57
C THR A 156 -1.73 -33.73 6.19
N PRO A 157 -2.61 -33.57 5.19
CA PRO A 157 -2.26 -34.07 3.84
C PRO A 157 -1.09 -33.35 3.19
N ASN A 158 -0.89 -32.07 3.50
CA ASN A 158 0.21 -31.33 2.88
C ASN A 158 1.55 -31.81 3.41
N ARG A 159 1.69 -31.90 4.73
CA ARG A 159 2.93 -32.38 5.33
C ARG A 159 3.17 -33.84 4.98
N ALA A 160 2.11 -34.65 4.96
CA ALA A 160 2.26 -36.05 4.59
C ALA A 160 2.73 -36.18 3.14
N LYS A 161 2.07 -35.47 2.22
CA LYS A 161 2.43 -35.55 0.80
C LYS A 161 3.88 -35.15 0.55
N ARG A 162 4.41 -34.23 1.35
CA ARG A 162 5.81 -33.86 1.22
C ARG A 162 6.72 -34.98 1.71
N VAL A 163 6.41 -35.56 2.87
CA VAL A 163 7.22 -36.65 3.41
C VAL A 163 7.07 -37.89 2.53
N ILE A 164 5.85 -38.18 2.07
CA ILE A 164 5.64 -39.32 1.19
C ILE A 164 6.42 -39.13 -0.11
N THR A 165 6.47 -37.90 -0.64
CA THR A 165 7.26 -37.63 -1.82
C THR A 165 8.75 -37.75 -1.54
N THR A 166 9.19 -37.34 -0.34
CA THR A 166 10.58 -37.51 0.03
C THR A 166 10.94 -39.00 0.13
N PHE A 167 10.01 -39.82 0.61
CA PHE A 167 10.23 -41.27 0.59
C PHE A 167 10.27 -41.81 -0.83
N ARG A 168 9.38 -41.31 -1.68
CA ARG A 168 9.23 -41.89 -3.03
C ARG A 168 10.41 -41.53 -3.91
N THR A 169 10.69 -40.24 -4.08
CA THR A 169 11.74 -39.80 -4.98
C THR A 169 13.13 -39.90 -4.36
N GLY A 170 13.22 -39.80 -3.03
CA GLY A 170 14.52 -39.81 -2.39
C GLY A 170 15.29 -38.52 -2.51
N THR A 171 14.62 -37.42 -2.88
CA THR A 171 15.25 -36.12 -3.01
C THR A 171 14.39 -35.07 -2.34
N TRP A 172 14.97 -33.89 -2.14
CA TRP A 172 14.30 -32.80 -1.42
C TRP A 172 13.36 -32.00 -2.32
N ASP A 173 12.90 -32.56 -3.44
CA ASP A 173 12.08 -31.80 -4.38
C ASP A 173 10.82 -31.25 -3.70
N ALA A 174 10.25 -32.00 -2.76
CA ALA A 174 9.06 -31.52 -2.06
C ALA A 174 9.34 -30.33 -1.17
N TYR A 175 10.60 -30.08 -0.82
CA TYR A 175 10.98 -28.98 0.06
C TYR A 175 11.91 -27.97 -0.59
N ALA A 176 12.76 -28.39 -1.54
CA ALA A 176 13.72 -27.47 -2.14
C ALA A 176 13.02 -26.33 -2.86
N ALA A 177 11.79 -26.54 -3.32
CA ALA A 177 11.02 -25.47 -3.94
C ALA A 177 10.79 -24.30 -2.99
N ASP A 178 10.96 -24.51 -1.68
CA ASP A 178 10.79 -23.43 -0.71
C ASP A 178 11.85 -22.35 -0.88
N GLU A 179 13.03 -22.70 -1.38
CA GLU A 179 14.11 -21.73 -1.49
C GLU A 179 13.96 -20.81 -2.69
N VAL A 180 13.21 -21.22 -3.71
CA VAL A 180 12.93 -20.33 -4.83
C VAL A 180 12.04 -19.17 -4.38
N TRP A 181 11.14 -19.43 -3.43
CA TRP A 181 10.25 -18.39 -2.91
C TRP A 181 10.96 -17.37 -2.03
N VAL A 182 12.19 -17.64 -1.61
CA VAL A 182 12.94 -16.67 -0.83
C VAL A 182 13.56 -15.61 -1.73
N VAL A 183 14.23 -16.04 -2.81
CA VAL A 183 14.85 -15.08 -3.72
C VAL A 183 13.79 -14.40 -4.57
N GLY A 184 12.70 -15.11 -4.91
CA GLY A 184 11.61 -14.46 -5.63
C GLY A 184 10.99 -13.33 -4.84
N MET A 185 10.82 -13.53 -3.54
CA MET A 185 10.37 -12.44 -2.68
C MET A 185 11.42 -11.35 -2.57
N GLY A 186 12.69 -11.72 -2.53
CA GLY A 186 13.74 -10.72 -2.36
C GLY A 186 13.85 -9.78 -3.54
N ILE A 187 13.84 -10.34 -4.76
CA ILE A 187 13.96 -9.48 -5.95
C ILE A 187 12.71 -8.62 -6.11
N VAL A 188 11.55 -9.13 -5.71
CA VAL A 188 10.34 -8.31 -5.77
C VAL A 188 10.45 -7.15 -4.79
N MET A 189 10.99 -7.41 -3.60
CA MET A 189 11.21 -6.33 -2.65
C MET A 189 12.13 -5.26 -3.23
N SER A 190 13.15 -5.68 -3.97
CA SER A 190 14.07 -4.72 -4.58
C SER A 190 13.35 -3.88 -5.63
N LEU A 191 12.56 -4.52 -6.50
CA LEU A 191 11.79 -3.77 -7.48
C LEU A 191 10.88 -2.76 -6.80
N ILE A 192 10.29 -3.13 -5.67
CA ILE A 192 9.42 -2.20 -4.96
C ILE A 192 10.23 -1.01 -4.44
N VAL A 193 11.39 -1.27 -3.83
CA VAL A 193 12.21 -0.18 -3.32
C VAL A 193 12.65 0.74 -4.45
N LEU A 194 13.09 0.15 -5.56
CA LEU A 194 13.53 0.95 -6.69
C LEU A 194 12.41 1.81 -7.23
N ALA A 195 11.23 1.21 -7.46
CA ALA A 195 10.08 1.95 -7.98
C ALA A 195 9.76 3.15 -7.09
N ILE A 196 9.61 2.92 -5.78
CA ILE A 196 9.19 3.98 -4.88
C ILE A 196 10.22 5.12 -4.87
N VAL A 197 11.50 4.78 -4.83
CA VAL A 197 12.52 5.83 -4.80
C VAL A 197 12.65 6.50 -6.16
N PHE A 198 12.52 5.73 -7.24
CA PHE A 198 12.58 6.30 -8.59
C PHE A 198 11.42 7.25 -8.84
N GLY A 199 10.19 6.74 -8.68
CA GLY A 199 9.02 7.55 -8.97
C GLY A 199 8.98 8.84 -8.17
N ASN A 200 9.16 8.74 -6.85
CA ASN A 200 8.92 9.90 -6.01
C ASN A 200 10.07 10.91 -6.04
N VAL A 201 11.31 10.46 -6.25
CA VAL A 201 12.39 11.43 -6.45
C VAL A 201 12.17 12.20 -7.74
N LEU A 202 11.57 11.55 -8.75
CA LEU A 202 11.24 12.24 -9.98
C LEU A 202 10.15 13.29 -9.77
N VAL A 203 9.14 12.97 -8.97
CA VAL A 203 8.05 13.91 -8.72
C VAL A 203 8.54 15.12 -7.93
N ILE A 204 9.32 14.88 -6.88
CA ILE A 204 9.84 15.98 -6.07
C ILE A 204 10.76 16.87 -6.91
N THR A 205 11.51 16.27 -7.84
CA THR A 205 12.41 17.07 -8.68
C THR A 205 11.63 17.91 -9.67
N ALA A 206 10.57 17.35 -10.25
CA ALA A 206 9.81 18.08 -11.28
C ALA A 206 9.21 19.36 -10.73
N ILE A 207 8.67 19.33 -9.51
CA ILE A 207 8.06 20.52 -8.92
C ILE A 207 9.10 21.47 -8.34
N ALA A 208 10.28 20.98 -7.98
CA ALA A 208 11.30 21.83 -7.37
C ALA A 208 12.06 22.65 -8.40
N LYS A 209 12.19 22.15 -9.63
CA LYS A 209 12.98 22.80 -10.66
C LYS A 209 12.15 23.52 -11.72
N PHE A 210 10.84 23.28 -11.78
CA PHE A 210 10.00 23.82 -12.83
C PHE A 210 8.94 24.75 -12.24
N GLU A 211 8.71 25.89 -12.90
CA GLU A 211 7.76 26.88 -12.39
C GLU A 211 6.32 26.56 -12.82
N ARG A 212 6.12 25.98 -14.01
CA ARG A 212 4.79 25.60 -14.45
C ARG A 212 4.14 24.55 -13.57
N LEU A 213 4.88 23.95 -12.64
CA LEU A 213 4.35 22.93 -11.75
C LEU A 213 4.27 23.38 -10.29
N GLN A 214 4.50 24.66 -10.01
CA GLN A 214 4.46 25.17 -8.65
C GLN A 214 3.08 25.76 -8.32
N THR A 215 2.07 24.89 -8.40
CA THR A 215 0.71 25.25 -8.04
C THR A 215 0.41 24.78 -6.63
N VAL A 216 -0.80 25.10 -6.16
CA VAL A 216 -1.21 24.72 -4.80
C VAL A 216 -1.47 23.22 -4.72
N THR A 217 -2.21 22.68 -5.69
CA THR A 217 -2.46 21.25 -5.72
C THR A 217 -1.15 20.47 -5.72
N ASN A 218 -0.12 21.00 -6.39
CA ASN A 218 1.16 20.31 -6.45
C ASN A 218 1.95 20.42 -5.15
N TYR A 219 1.71 21.45 -4.34
CA TYR A 219 2.34 21.51 -3.02
C TYR A 219 1.90 20.32 -2.17
N PHE A 220 0.63 19.94 -2.26
CA PHE A 220 0.16 18.73 -1.58
C PHE A 220 0.75 17.50 -2.24
N ILE A 221 0.89 17.51 -3.58
CA ILE A 221 1.57 16.42 -4.27
C ILE A 221 3.00 16.28 -3.77
N THR A 222 3.67 17.40 -3.54
CA THR A 222 5.04 17.37 -3.05
C THR A 222 5.13 16.69 -1.69
N SER A 223 4.21 17.04 -0.77
CA SER A 223 4.24 16.43 0.56
C SER A 223 3.89 14.94 0.50
N LEU A 224 2.95 14.56 -0.35
CA LEU A 224 2.67 13.14 -0.56
C LEU A 224 3.90 12.41 -1.05
N ALA A 225 4.59 12.98 -2.05
CA ALA A 225 5.80 12.36 -2.58
C ALA A 225 6.91 12.33 -1.55
N CYS A 226 6.89 13.24 -0.57
CA CYS A 226 7.91 13.22 0.48
C CYS A 226 7.71 12.04 1.42
N ALA A 227 6.47 11.83 1.88
CA ALA A 227 6.20 10.65 2.71
C ALA A 227 6.50 9.37 1.95
N ASP A 228 6.11 9.30 0.67
CA ASP A 228 6.36 8.11 -0.12
C ASP A 228 7.85 7.91 -0.37
N LEU A 229 8.63 8.99 -0.51
CA LEU A 229 10.06 8.84 -0.69
C LEU A 229 10.71 8.23 0.55
N VAL A 230 10.38 8.75 1.73
CA VAL A 230 10.94 8.21 2.96
C VAL A 230 10.57 6.73 3.11
N MET A 231 9.39 6.34 2.63
CA MET A 231 8.99 4.93 2.68
C MET A 231 9.98 4.05 1.92
N GLY A 232 10.24 4.38 0.65
CA GLY A 232 11.19 3.59 -0.12
C GLY A 232 12.61 3.69 0.40
N LEU A 233 12.97 4.81 1.03
CA LEU A 233 14.35 4.98 1.48
C LEU A 233 14.56 4.41 2.87
N ALA A 234 13.61 4.59 3.78
CA ALA A 234 13.78 4.26 5.19
C ALA A 234 12.90 3.11 5.66
N VAL A 235 11.60 3.16 5.38
CA VAL A 235 10.69 2.17 5.94
C VAL A 235 10.88 0.81 5.25
N VAL A 236 10.84 0.79 3.92
CA VAL A 236 10.83 -0.47 3.17
C VAL A 236 12.17 -1.21 3.22
N PRO A 237 13.33 -0.56 3.06
CA PRO A 237 14.58 -1.34 3.07
C PRO A 237 14.83 -2.07 4.38
N PHE A 238 14.59 -1.42 5.52
CA PHE A 238 14.81 -2.08 6.80
C PHE A 238 13.83 -3.23 6.98
N GLY A 239 12.58 -3.06 6.52
CA GLY A 239 11.62 -4.14 6.58
C GLY A 239 12.01 -5.31 5.70
N ALA A 240 12.63 -5.02 4.56
CA ALA A 240 13.11 -6.10 3.69
C ALA A 240 14.24 -6.87 4.37
N ALA A 241 15.19 -6.14 4.96
CA ALA A 241 16.26 -6.78 5.72
C ALA A 241 15.71 -7.55 6.93
N HIS A 242 14.61 -7.08 7.51
CA HIS A 242 14.01 -7.79 8.64
C HIS A 242 13.44 -9.13 8.20
N ILE A 243 12.63 -9.13 7.13
CA ILE A 243 11.96 -10.36 6.71
C ILE A 243 12.96 -11.38 6.21
N LEU A 244 13.97 -10.95 5.46
CA LEU A 244 14.89 -11.88 4.83
C LEU A 244 15.85 -12.50 5.85
N THR A 245 16.52 -11.66 6.63
CA THR A 245 17.42 -12.15 7.68
C THR A 245 16.69 -12.91 8.77
N LYS A 246 15.40 -12.66 8.96
CA LYS A 246 14.56 -13.28 9.99
C LYS A 246 14.95 -12.85 11.40
N THR A 247 15.70 -11.75 11.53
CA THR A 247 15.99 -11.13 12.82
C THR A 247 16.06 -9.62 12.60
N TRP A 248 16.56 -8.91 13.59
CA TRP A 248 16.77 -7.46 13.51
C TRP A 248 18.14 -7.15 14.09
N THR A 249 19.02 -6.58 13.27
CA THR A 249 20.43 -6.47 13.60
C THR A 249 20.86 -5.04 13.96
N PHE A 250 19.92 -4.12 14.17
CA PHE A 250 20.23 -2.71 14.36
C PHE A 250 19.97 -2.24 15.79
N GLY A 251 19.83 -3.15 16.74
CA GLY A 251 19.64 -2.77 18.13
C GLY A 251 18.21 -2.39 18.45
N ASN A 252 17.98 -2.14 19.74
CA ASN A 252 16.63 -1.93 20.25
C ASN A 252 16.11 -0.52 19.98
N PHE A 253 16.98 0.49 20.06
CA PHE A 253 16.51 1.86 19.84
C PHE A 253 16.06 2.07 18.40
N TRP A 254 16.86 1.61 17.44
CA TRP A 254 16.52 1.79 16.03
C TRP A 254 15.31 0.97 15.61
N CYS A 255 14.98 -0.08 16.35
CA CYS A 255 13.77 -0.84 16.07
C CYS A 255 12.52 0.02 16.22
N GLU A 256 12.41 0.74 17.34
CA GLU A 256 11.26 1.60 17.55
C GLU A 256 11.32 2.84 16.67
N PHE A 257 12.52 3.38 16.44
CA PHE A 257 12.65 4.50 15.51
C PHE A 257 12.18 4.12 14.12
N TRP A 258 12.63 2.97 13.62
CA TRP A 258 12.07 2.43 12.39
C TRP A 258 10.57 2.26 12.49
N THR A 259 10.08 1.74 13.62
CA THR A 259 8.64 1.65 13.82
C THR A 259 8.00 3.03 13.83
N SER A 260 8.69 4.01 14.42
CA SER A 260 8.14 5.38 14.48
C SER A 260 8.05 5.99 13.10
N ILE A 261 9.12 5.90 12.32
CA ILE A 261 9.14 6.48 10.98
C ILE A 261 8.14 5.77 10.05
N ASP A 262 7.76 4.53 10.38
CA ASP A 262 6.74 3.85 9.61
C ASP A 262 5.40 4.55 9.76
N VAL A 263 4.92 4.68 11.00
CA VAL A 263 3.62 5.30 11.24
C VAL A 263 3.64 6.77 10.86
N LEU A 264 4.81 7.40 10.92
CA LEU A 264 4.91 8.79 10.48
C LEU A 264 4.55 8.91 9.01
N CYS A 265 5.17 8.09 8.16
CA CYS A 265 4.98 8.22 6.72
C CYS A 265 3.62 7.72 6.27
N VAL A 266 3.15 6.62 6.83
CA VAL A 266 1.87 6.08 6.39
C VAL A 266 0.74 7.01 6.79
N THR A 267 0.85 7.64 7.95
CA THR A 267 -0.14 8.65 8.33
C THR A 267 -0.06 9.87 7.41
N ALA A 268 1.15 10.42 7.23
CA ALA A 268 1.31 11.59 6.38
C ALA A 268 0.90 11.28 4.94
N SER A 269 1.20 10.07 4.46
CA SER A 269 0.83 9.70 3.10
C SER A 269 -0.69 9.68 2.93
N ILE A 270 -1.40 9.00 3.83
CA ILE A 270 -2.85 8.87 3.65
C ILE A 270 -3.55 10.18 3.98
N GLU A 271 -3.09 10.88 5.01
CA GLU A 271 -3.69 12.18 5.33
C GLU A 271 -3.46 13.20 4.23
N THR A 272 -2.43 13.03 3.41
CA THR A 272 -2.24 13.93 2.27
C THR A 272 -3.15 13.56 1.11
N LEU A 273 -3.32 12.26 0.84
CA LEU A 273 -4.30 11.83 -0.15
C LEU A 273 -5.69 12.33 0.21
N CYS A 274 -6.00 12.44 1.50
CA CYS A 274 -7.26 13.02 1.93
C CYS A 274 -7.31 14.51 1.62
N VAL A 275 -6.21 15.23 1.84
CA VAL A 275 -6.16 16.66 1.56
C VAL A 275 -6.28 16.91 0.05
N ILE A 276 -5.64 16.06 -0.76
CA ILE A 276 -5.74 16.21 -2.21
C ILE A 276 -7.16 15.98 -2.68
N ALA A 277 -7.85 14.97 -2.12
CA ALA A 277 -9.23 14.70 -2.51
C ALA A 277 -10.13 15.90 -2.25
N VAL A 278 -9.95 16.56 -1.11
CA VAL A 278 -10.73 17.76 -0.80
C VAL A 278 -10.24 18.93 -1.65
N ASP A 279 -8.93 19.06 -1.81
CA ASP A 279 -8.34 20.11 -2.64
C ASP A 279 -8.98 20.12 -4.03
N ARG A 280 -9.02 18.97 -4.69
CA ARG A 280 -9.61 18.91 -6.02
C ARG A 280 -11.12 19.13 -5.99
N TYR A 281 -11.78 18.77 -4.88
CA TYR A 281 -13.22 19.03 -4.79
C TYR A 281 -13.50 20.53 -4.84
N PHE A 282 -12.69 21.34 -4.14
CA PHE A 282 -12.88 22.78 -4.20
C PHE A 282 -12.41 23.34 -5.54
N ALA A 283 -11.27 22.86 -6.05
CA ALA A 283 -10.75 23.36 -7.31
C ALA A 283 -11.68 23.07 -8.48
N ILE A 284 -12.58 22.10 -8.33
CA ILE A 284 -13.48 21.71 -9.41
C ILE A 284 -14.87 22.31 -9.23
N THR A 285 -15.41 22.29 -8.02
CA THR A 285 -16.78 22.74 -7.79
C THR A 285 -16.90 24.23 -7.48
N SER A 286 -15.90 24.80 -6.81
CA SER A 286 -15.86 26.24 -6.52
C SER A 286 -14.49 26.79 -6.92
N PRO A 287 -14.24 26.92 -8.22
CA PRO A 287 -12.85 27.22 -8.65
C PRO A 287 -12.40 28.62 -8.33
N PHE A 288 -13.31 29.58 -8.22
CA PHE A 288 -12.90 30.97 -8.07
C PHE A 288 -12.57 31.31 -6.62
N LYS A 289 -13.38 30.84 -5.66
CA LYS A 289 -13.02 31.02 -4.26
C LYS A 289 -11.84 30.13 -3.87
N TYR A 290 -11.68 28.98 -4.55
CA TYR A 290 -10.57 28.08 -4.25
C TYR A 290 -9.22 28.77 -4.45
N GLN A 291 -9.16 29.76 -5.35
CA GLN A 291 -7.93 30.50 -5.56
C GLN A 291 -7.85 31.78 -4.75
N SER A 292 -8.99 32.30 -4.28
CA SER A 292 -8.97 33.47 -3.42
C SER A 292 -8.56 33.11 -2.00
N LEU A 293 -9.06 31.99 -1.49
CA LEU A 293 -8.88 31.61 -0.09
C LEU A 293 -7.55 30.90 0.14
N LEU A 294 -7.34 29.78 -0.56
CA LEU A 294 -6.21 28.89 -0.30
C LEU A 294 -4.93 29.47 -0.90
N THR A 295 -4.36 30.43 -0.18
CA THR A 295 -3.07 30.98 -0.55
C THR A 295 -1.97 29.93 -0.39
N LYS A 296 -0.79 30.20 -0.96
CA LYS A 296 0.31 29.26 -0.85
C LYS A 296 0.76 29.09 0.59
N ASN A 297 0.56 30.10 1.44
CA ASN A 297 0.89 29.97 2.85
C ASN A 297 -0.14 29.14 3.59
N LYS A 298 -1.43 29.42 3.34
CA LYS A 298 -2.49 28.60 3.94
C LYS A 298 -2.32 27.13 3.59
N ALA A 299 -1.83 26.84 2.37
CA ALA A 299 -1.56 25.45 2.01
C ALA A 299 -0.39 24.90 2.80
N ARG A 300 0.67 25.69 2.97
CA ARG A 300 1.82 25.23 3.75
C ARG A 300 1.43 24.97 5.20
N VAL A 301 0.51 25.78 5.74
CA VAL A 301 0.02 25.52 7.10
C VAL A 301 -0.74 24.20 7.13
N ILE A 302 -1.56 23.93 6.10
CA ILE A 302 -2.26 22.65 6.04
C ILE A 302 -1.26 21.51 5.92
N ILE A 303 -0.13 21.72 5.25
CA ILE A 303 0.90 20.69 5.17
C ILE A 303 1.46 20.40 6.55
N LEU A 304 1.76 21.47 7.32
CA LEU A 304 2.33 21.29 8.65
C LEU A 304 1.36 20.55 9.58
N MET A 305 0.05 20.77 9.41
CA MET A 305 -0.93 20.07 10.24
C MET A 305 -0.88 18.57 10.02
N VAL A 306 -0.71 18.14 8.76
CA VAL A 306 -0.62 16.72 8.47
C VAL A 306 0.59 16.11 9.16
N TRP A 307 1.73 16.79 9.08
CA TRP A 307 2.96 16.25 9.66
C TRP A 307 3.05 16.43 11.17
N ILE A 308 2.33 17.41 11.73
CA ILE A 308 2.26 17.51 13.18
C ILE A 308 1.29 16.46 13.73
N VAL A 309 0.12 16.30 13.09
CA VAL A 309 -0.77 15.20 13.44
C VAL A 309 -0.05 13.86 13.29
N SER A 310 0.66 13.68 12.18
CA SER A 310 1.36 12.42 11.94
C SER A 310 2.48 12.20 12.94
N GLY A 311 3.29 13.24 13.19
CA GLY A 311 4.34 13.12 14.18
C GLY A 311 3.81 12.83 15.57
N LEU A 312 2.62 13.35 15.88
CA LEU A 312 2.03 13.09 17.19
C LEU A 312 1.41 11.69 17.27
N THR A 313 0.93 11.15 16.16
CA THR A 313 0.35 9.81 16.18
C THR A 313 1.38 8.71 15.95
N SER A 314 2.63 9.07 15.62
CA SER A 314 3.66 8.06 15.37
C SER A 314 4.79 8.11 16.38
N PHE A 315 5.52 9.23 16.47
CA PHE A 315 6.71 9.26 17.30
C PHE A 315 6.37 9.47 18.77
N LEU A 316 5.45 10.38 19.06
CA LEU A 316 5.08 10.67 20.44
C LEU A 316 4.68 9.40 21.18
N PRO A 317 3.70 8.60 20.69
CA PRO A 317 3.32 7.40 21.46
C PRO A 317 4.43 6.37 21.49
N ILE A 318 5.03 6.09 20.33
CA ILE A 318 6.00 5.01 20.24
C ILE A 318 7.25 5.35 21.04
N GLN A 319 7.86 6.50 20.76
CA GLN A 319 9.07 6.87 21.50
C GLN A 319 8.81 7.11 22.98
N MET A 320 7.56 7.10 23.42
CA MET A 320 7.23 7.17 24.84
C MET A 320 6.71 5.84 25.38
N HIS A 321 6.80 4.76 24.59
CA HIS A 321 6.38 3.42 24.94
C HIS A 321 4.89 3.31 25.26
N TRP A 322 4.10 4.34 24.94
CA TRP A 322 2.65 4.26 25.15
C TRP A 322 2.02 3.20 24.25
N TYR A 323 2.53 3.03 23.03
CA TYR A 323 2.00 2.07 22.08
C TYR A 323 2.16 0.63 22.52
N ARG A 324 2.98 0.37 23.54
CA ARG A 324 3.42 -0.99 23.83
C ARG A 324 2.28 -1.87 24.32
N ALA A 325 2.39 -3.16 24.03
CA ALA A 325 1.49 -4.17 24.57
C ALA A 325 1.99 -4.61 25.93
N THR A 326 1.26 -5.55 26.55
CA THR A 326 1.61 -6.03 27.88
C THR A 326 1.73 -7.54 28.00
N HIS A 327 1.35 -8.31 26.97
CA HIS A 327 1.40 -9.76 27.08
C HIS A 327 2.86 -10.24 27.03
N GLN A 328 3.04 -11.55 27.20
CA GLN A 328 4.38 -12.07 27.45
C GLN A 328 5.24 -12.00 26.20
N GLU A 329 4.72 -12.44 25.05
CA GLU A 329 5.50 -12.37 23.83
C GLU A 329 5.89 -10.94 23.50
N ALA A 330 5.06 -9.97 23.89
CA ALA A 330 5.39 -8.57 23.66
C ALA A 330 6.53 -8.12 24.57
N ILE A 331 6.46 -8.47 25.85
CA ILE A 331 7.48 -8.05 26.79
C ILE A 331 8.83 -8.68 26.45
N ASN A 332 8.82 -9.92 25.97
CA ASN A 332 10.06 -10.55 25.52
C ASN A 332 10.64 -9.83 24.31
N CYS A 333 9.78 -9.47 23.35
CA CYS A 333 10.26 -8.81 22.13
C CYS A 333 10.77 -7.41 22.41
N TYR A 334 10.20 -6.71 23.39
CA TYR A 334 10.73 -5.41 23.75
C TYR A 334 12.08 -5.51 24.43
N ALA A 335 12.39 -6.64 25.06
CA ALA A 335 13.67 -6.84 25.72
C ALA A 335 14.69 -7.55 24.81
N GLU A 336 14.23 -8.36 23.87
CA GLU A 336 15.11 -9.06 22.95
C GLU A 336 15.60 -8.09 21.88
N GLU A 337 16.93 -7.88 21.83
CA GLU A 337 17.50 -6.92 20.90
C GLU A 337 17.31 -7.34 19.45
N THR A 338 17.20 -8.64 19.18
CA THR A 338 17.06 -9.13 17.82
C THR A 338 15.60 -9.32 17.42
N CYS A 339 14.65 -8.96 18.27
CA CYS A 339 13.24 -9.00 17.94
C CYS A 339 12.74 -7.59 17.65
N CYS A 340 12.12 -7.41 16.49
CA CYS A 340 11.51 -6.14 16.15
C CYS A 340 10.10 -6.36 15.59
N ASP A 341 9.48 -7.47 15.96
CA ASP A 341 8.09 -7.70 15.61
C ASP A 341 7.22 -6.61 16.21
N PHE A 342 6.06 -6.41 15.59
CA PHE A 342 5.16 -5.33 15.97
C PHE A 342 4.12 -5.82 16.98
N PHE A 343 4.06 -5.14 18.13
CA PHE A 343 3.08 -5.45 19.17
C PHE A 343 2.52 -4.15 19.73
N THR A 344 1.19 -4.05 19.79
CA THR A 344 0.51 -2.89 20.36
C THR A 344 -0.60 -3.30 21.30
N ASN A 345 -1.20 -2.30 21.92
CA ASN A 345 -2.40 -2.47 22.73
C ASN A 345 -3.63 -2.12 21.90
N GLN A 346 -4.81 -2.31 22.48
CA GLN A 346 -6.03 -2.01 21.75
C GLN A 346 -6.22 -0.51 21.57
N ALA A 347 -5.79 0.29 22.55
CA ALA A 347 -5.94 1.73 22.46
C ALA A 347 -5.18 2.28 21.27
N TYR A 348 -3.94 1.84 21.07
CA TYR A 348 -3.13 2.38 19.97
C TYR A 348 -3.56 1.78 18.63
N ALA A 349 -3.72 0.46 18.57
CA ALA A 349 -4.10 -0.17 17.31
C ALA A 349 -5.40 0.37 16.74
N ILE A 350 -6.27 0.92 17.59
CA ILE A 350 -7.52 1.51 17.15
C ILE A 350 -7.35 2.99 16.81
N ALA A 351 -6.79 3.76 17.75
CA ALA A 351 -6.67 5.21 17.56
C ALA A 351 -5.87 5.56 16.32
N SER A 352 -4.80 4.80 16.06
CA SER A 352 -3.97 5.07 14.89
C SER A 352 -4.74 4.82 13.60
N SER A 353 -5.47 3.71 13.52
CA SER A 353 -6.23 3.40 12.32
C SER A 353 -7.25 4.49 12.01
N ILE A 354 -7.83 5.09 13.04
CA ILE A 354 -8.74 6.22 12.84
C ILE A 354 -7.99 7.41 12.24
N VAL A 355 -6.90 7.82 12.90
CA VAL A 355 -6.15 9.00 12.46
C VAL A 355 -5.40 8.71 11.16
N SER A 356 -4.89 7.49 10.99
CA SER A 356 -4.11 7.21 9.79
C SER A 356 -4.99 6.87 8.60
N PHE A 357 -6.02 6.04 8.79
CA PHE A 357 -6.76 5.51 7.66
C PHE A 357 -8.23 5.89 7.63
N TYR A 358 -8.95 5.72 8.75
CA TYR A 358 -10.41 5.68 8.67
C TYR A 358 -11.01 7.08 8.53
N VAL A 359 -10.57 8.05 9.32
CA VAL A 359 -10.99 9.43 9.11
C VAL A 359 -10.63 9.90 7.70
N PRO A 360 -9.39 9.76 7.22
CA PRO A 360 -9.12 10.11 5.81
C PRO A 360 -9.98 9.34 4.83
N LEU A 361 -10.20 8.05 5.06
CA LEU A 361 -11.01 7.26 4.13
C LEU A 361 -12.40 7.85 3.98
N VAL A 362 -13.03 8.20 5.10
CA VAL A 362 -14.41 8.67 5.04
C VAL A 362 -14.48 10.02 4.31
N ILE A 363 -13.62 10.97 4.70
CA ILE A 363 -13.56 12.25 4.00
C ILE A 363 -13.41 12.04 2.51
N MET A 364 -12.58 11.09 2.10
CA MET A 364 -12.30 10.87 0.69
C MET A 364 -13.51 10.27 -0.03
N VAL A 365 -14.12 9.24 0.56
CA VAL A 365 -15.32 8.65 -0.04
C VAL A 365 -16.43 9.69 -0.14
N PHE A 366 -16.41 10.69 0.74
CA PHE A 366 -17.46 11.70 0.73
C PHE A 366 -17.28 12.68 -0.43
N VAL A 367 -16.12 13.33 -0.50
CA VAL A 367 -15.94 14.42 -1.46
C VAL A 367 -15.91 13.89 -2.89
N TYR A 368 -15.22 12.77 -3.14
CA TYR A 368 -15.14 12.23 -4.49
C TYR A 368 -16.51 11.83 -5.00
N SER A 369 -17.33 11.20 -4.16
CA SER A 369 -18.71 10.92 -4.55
C SER A 369 -19.49 12.21 -4.74
N ARG A 370 -19.26 13.21 -3.87
CA ARG A 370 -19.92 14.50 -4.03
C ARG A 370 -19.40 15.24 -5.26
N VAL A 371 -18.13 15.05 -5.61
CA VAL A 371 -17.60 15.64 -6.84
C VAL A 371 -18.45 15.21 -8.03
N PHE A 372 -18.93 13.97 -8.03
CA PHE A 372 -19.73 13.52 -9.14
C PHE A 372 -21.22 13.80 -8.97
N GLN A 373 -21.72 13.85 -7.73
CA GLN A 373 -23.13 14.20 -7.54
C GLN A 373 -23.40 15.66 -7.89
N GLU A 374 -22.39 16.53 -7.71
CA GLU A 374 -22.53 17.93 -8.09
C GLU A 374 -22.28 18.14 -9.58
N ALA A 375 -21.64 17.18 -10.26
CA ALA A 375 -21.48 17.25 -11.70
C ALA A 375 -22.83 17.09 -12.41
N LYS A 376 -23.78 16.41 -11.78
CA LYS A 376 -25.07 16.19 -12.42
C LYS A 376 -25.92 17.46 -12.40
N ARG A 377 -25.92 18.18 -11.27
CA ARG A 377 -26.74 19.38 -11.13
C ARG A 377 -25.99 20.63 -11.60
N GLN A 378 -25.53 20.57 -12.86
CA GLN A 378 -24.92 21.72 -13.52
C GLN A 378 -25.92 22.36 -14.46
N LEU A 379 -25.47 23.36 -15.23
CA LEU A 379 -26.37 24.07 -16.13
C LEU A 379 -26.77 23.24 -17.34
N GLN A 380 -26.39 21.96 -17.41
CA GLN A 380 -26.84 21.07 -18.47
C GLN A 380 -27.36 19.76 -17.87
N LYS A 384 -25.19 14.54 -21.69
CA LYS A 384 -26.05 13.72 -22.53
C LYS A 384 -25.38 12.37 -22.81
N PHE A 385 -25.33 11.53 -21.78
CA PHE A 385 -24.65 10.23 -21.77
C PHE A 385 -23.31 10.27 -22.51
N ALA A 386 -22.57 11.36 -22.35
CA ALA A 386 -21.38 11.61 -23.16
C ALA A 386 -20.25 10.68 -22.73
N LEU A 387 -19.09 10.86 -23.39
CA LEU A 387 -17.96 9.97 -23.22
C LEU A 387 -16.92 10.48 -22.22
N LYS A 388 -16.86 11.79 -21.99
CA LYS A 388 -15.92 12.31 -21.01
C LYS A 388 -16.36 12.06 -19.57
N GLU A 389 -17.60 11.61 -19.36
CA GLU A 389 -18.07 11.29 -18.02
C GLU A 389 -17.68 9.87 -17.61
N HIS A 390 -17.66 8.93 -18.56
CA HIS A 390 -17.13 7.61 -18.27
C HIS A 390 -15.61 7.65 -18.13
N LYS A 391 -14.94 8.52 -18.88
CA LYS A 391 -13.50 8.71 -18.69
C LYS A 391 -13.21 9.23 -17.29
N ALA A 392 -13.95 10.25 -16.85
CA ALA A 392 -13.75 10.77 -15.50
C ALA A 392 -14.20 9.78 -14.43
N LEU A 393 -15.20 8.96 -14.74
CA LEU A 393 -15.65 7.93 -13.79
C LEU A 393 -14.63 6.81 -13.68
N LYS A 394 -13.90 6.53 -14.75
CA LYS A 394 -12.79 5.58 -14.66
C LYS A 394 -11.64 6.15 -13.85
N THR A 395 -11.35 7.45 -14.02
CA THR A 395 -10.21 8.05 -13.35
C THR A 395 -10.34 7.97 -11.83
N LEU A 396 -11.47 8.44 -11.28
CA LEU A 396 -11.64 8.42 -9.84
C LEU A 396 -11.81 6.99 -9.32
N GLY A 397 -12.31 6.07 -10.16
CA GLY A 397 -12.32 4.67 -9.78
C GLY A 397 -10.92 4.14 -9.50
N ILE A 398 -9.94 4.60 -10.28
CA ILE A 398 -8.55 4.21 -10.02
C ILE A 398 -8.01 4.93 -8.80
N ILE A 399 -8.32 6.22 -8.67
CA ILE A 399 -7.89 6.98 -7.50
C ILE A 399 -8.41 6.33 -6.22
N MET A 400 -9.64 5.82 -6.27
CA MET A 400 -10.26 5.21 -5.10
C MET A 400 -10.03 3.70 -5.03
N GLY A 401 -10.01 3.03 -6.18
CA GLY A 401 -9.80 1.59 -6.18
C GLY A 401 -8.39 1.20 -5.78
N THR A 402 -7.39 1.96 -6.23
CA THR A 402 -6.01 1.67 -5.83
C THR A 402 -5.82 1.89 -4.33
N PHE A 403 -6.15 3.09 -3.85
CA PHE A 403 -5.95 3.41 -2.44
C PHE A 403 -6.68 2.42 -1.53
N THR A 404 -7.86 1.95 -1.95
CA THR A 404 -8.62 1.03 -1.13
C THR A 404 -7.99 -0.36 -1.11
N LEU A 405 -7.80 -0.96 -2.29
CA LEU A 405 -7.23 -2.30 -2.35
C LEU A 405 -5.85 -2.40 -1.71
N CYS A 406 -5.15 -1.27 -1.56
CA CYS A 406 -3.82 -1.29 -0.97
C CYS A 406 -3.86 -1.25 0.54
N TRP A 407 -4.60 -0.30 1.11
CA TRP A 407 -4.56 -0.10 2.55
C TRP A 407 -5.77 -0.65 3.30
N LEU A 408 -6.95 -0.70 2.69
CA LEU A 408 -8.11 -1.20 3.41
C LEU A 408 -7.93 -2.62 3.95
N PRO A 409 -7.37 -3.57 3.20
CA PRO A 409 -7.15 -4.89 3.81
C PRO A 409 -6.33 -4.84 5.09
N PHE A 410 -5.28 -4.01 5.11
CA PHE A 410 -4.41 -3.98 6.29
C PHE A 410 -5.10 -3.37 7.49
N PHE A 411 -5.73 -2.20 7.31
CA PHE A 411 -6.27 -1.50 8.46
C PHE A 411 -7.50 -2.18 9.05
N ILE A 412 -8.22 -2.97 8.26
CA ILE A 412 -9.21 -3.88 8.82
C ILE A 412 -8.52 -4.92 9.70
N VAL A 413 -7.51 -5.58 9.13
CA VAL A 413 -6.73 -6.58 9.86
C VAL A 413 -6.03 -5.94 11.05
N ASN A 414 -5.57 -4.69 10.90
CA ASN A 414 -4.92 -4.00 12.01
C ASN A 414 -5.87 -3.84 13.19
N ILE A 415 -7.17 -3.77 12.94
CA ILE A 415 -8.15 -3.67 14.01
C ILE A 415 -8.46 -5.05 14.58
N VAL A 416 -8.59 -6.05 13.70
CA VAL A 416 -9.00 -7.38 14.15
C VAL A 416 -7.93 -8.02 15.03
N HIS A 417 -6.65 -7.89 14.67
CA HIS A 417 -5.61 -8.62 15.37
C HIS A 417 -5.48 -8.21 16.84
N VAL A 418 -6.23 -7.20 17.30
CA VAL A 418 -6.28 -6.85 18.71
C VAL A 418 -7.67 -7.01 19.30
N ILE A 419 -8.64 -7.51 18.53
CA ILE A 419 -9.97 -7.78 19.04
C ILE A 419 -10.03 -9.22 19.52
N GLN A 420 -9.81 -10.16 18.60
CA GLN A 420 -9.75 -11.59 18.91
C GLN A 420 -8.37 -12.08 18.53
N ASP A 421 -7.50 -12.28 19.51
CA ASP A 421 -6.13 -12.68 19.24
C ASP A 421 -6.10 -14.03 18.52
N ASN A 422 -4.95 -14.31 17.92
CA ASN A 422 -4.71 -15.49 17.08
C ASN A 422 -5.88 -15.80 16.15
N LEU A 423 -6.48 -14.75 15.57
CA LEU A 423 -7.39 -14.90 14.45
C LEU A 423 -6.73 -14.47 13.14
N ILE A 424 -5.76 -13.57 13.20
CA ILE A 424 -5.01 -13.12 12.04
C ILE A 424 -3.58 -13.61 12.19
N ARG A 425 -3.15 -14.46 11.26
CA ARG A 425 -1.78 -14.96 11.29
C ARG A 425 -0.80 -13.81 11.12
N LYS A 426 0.30 -13.87 11.88
CA LYS A 426 1.35 -12.86 11.75
C LYS A 426 1.80 -12.72 10.30
N GLU A 427 1.88 -13.84 9.59
CA GLU A 427 2.26 -13.81 8.17
C GLU A 427 1.37 -12.86 7.38
N VAL A 428 0.06 -12.99 7.55
CA VAL A 428 -0.88 -12.23 6.71
C VAL A 428 -0.84 -10.74 7.07
N TYR A 429 -0.71 -10.43 8.36
CA TYR A 429 -0.64 -9.03 8.79
C TYR A 429 0.53 -8.30 8.15
N ILE A 430 1.61 -9.02 7.86
CA ILE A 430 2.79 -8.40 7.24
C ILE A 430 2.59 -8.26 5.74
N LEU A 431 2.01 -9.27 5.10
CA LEU A 431 1.76 -9.21 3.67
C LEU A 431 0.83 -8.05 3.33
N LEU A 432 -0.29 -7.94 4.04
CA LEU A 432 -1.22 -6.84 3.79
C LEU A 432 -0.60 -5.50 4.14
N ASN A 433 0.34 -5.48 5.09
CA ASN A 433 1.09 -4.26 5.36
C ASN A 433 1.98 -3.88 4.17
N TRP A 434 2.61 -4.88 3.56
CA TRP A 434 3.44 -4.60 2.38
C TRP A 434 2.57 -4.25 1.18
N ILE A 435 1.41 -4.88 1.04
CA ILE A 435 0.45 -4.48 0.01
C ILE A 435 0.06 -3.03 0.19
N GLY A 436 0.15 -2.50 1.42
CA GLY A 436 -0.04 -1.09 1.62
C GLY A 436 1.17 -0.24 1.27
N TYR A 437 2.38 -0.78 1.47
CA TYR A 437 3.59 -0.01 1.20
C TYR A 437 3.70 0.33 -0.29
N VAL A 438 3.26 -0.59 -1.17
CA VAL A 438 3.37 -0.35 -2.60
C VAL A 438 2.44 0.73 -3.09
N ASN A 439 1.53 1.22 -2.25
CA ASN A 439 0.74 2.38 -2.62
C ASN A 439 1.64 3.61 -2.80
N SER A 440 2.75 3.67 -2.07
CA SER A 440 3.69 4.78 -2.24
C SER A 440 4.39 4.76 -3.59
N GLY A 441 4.45 3.61 -4.24
CA GLY A 441 4.97 3.55 -5.60
C GLY A 441 3.89 3.84 -6.63
N PHE A 442 2.66 3.41 -6.32
CA PHE A 442 1.55 3.64 -7.23
C PHE A 442 1.16 5.12 -7.28
N ASN A 443 1.45 5.89 -6.23
CA ASN A 443 0.95 7.26 -6.16
C ASN A 443 1.46 8.15 -7.28
N PRO A 444 2.76 8.20 -7.60
CA PRO A 444 3.18 9.04 -8.73
C PRO A 444 2.53 8.65 -10.05
N LEU A 445 2.15 7.39 -10.23
CA LEU A 445 1.47 6.97 -11.45
C LEU A 445 -0.01 7.36 -11.47
N ILE A 446 -0.49 8.08 -10.46
CA ILE A 446 -1.91 8.43 -10.34
C ILE A 446 -2.11 9.94 -10.31
N TYR A 447 -1.39 10.63 -9.43
CA TYR A 447 -1.60 12.06 -9.20
C TYR A 447 -0.59 12.93 -9.93
N CYS A 448 0.07 12.39 -10.95
CA CYS A 448 1.06 13.15 -11.71
C CYS A 448 0.92 12.88 -13.20
N ARG A 449 -0.31 12.74 -13.68
CA ARG A 449 -0.58 12.46 -15.09
C ARG A 449 -0.93 13.71 -15.88
N SER A 450 -0.61 14.90 -15.36
CA SER A 450 -0.94 16.14 -16.03
C SER A 450 -0.02 16.38 -17.22
N PRO A 451 -0.49 17.12 -18.24
CA PRO A 451 0.40 17.47 -19.35
C PRO A 451 1.65 18.20 -18.90
N ASP A 452 1.54 19.08 -17.90
CA ASP A 452 2.73 19.72 -17.33
C ASP A 452 3.69 18.68 -16.76
N PHE A 453 3.17 17.77 -15.92
CA PHE A 453 4.00 16.68 -15.39
C PHE A 453 4.55 15.82 -16.52
N ARG A 454 3.68 15.38 -17.43
CA ARG A 454 4.11 14.56 -18.57
C ARG A 454 5.30 15.18 -19.30
N ILE A 455 5.30 16.50 -19.45
CA ILE A 455 6.42 17.18 -20.10
C ILE A 455 7.64 17.21 -19.18
N ALA A 456 7.42 17.50 -17.89
CA ALA A 456 8.52 17.52 -16.94
C ALA A 456 9.25 16.19 -16.92
N PHE A 457 8.50 15.09 -16.95
CA PHE A 457 9.11 13.77 -16.91
C PHE A 457 9.74 13.39 -18.23
N GLN A 458 9.27 13.97 -19.33
CA GLN A 458 9.92 13.74 -20.62
C GLN A 458 11.25 14.48 -20.70
N GLU A 459 11.31 15.70 -20.16
CA GLU A 459 12.54 16.49 -20.21
C GLU A 459 13.53 16.06 -19.14
N LEU A 460 13.06 15.60 -17.98
CA LEU A 460 13.97 15.20 -16.92
C LEU A 460 14.72 13.90 -17.23
N LEU A 461 14.23 13.10 -18.17
CA LEU A 461 14.84 11.82 -18.48
C LEU A 461 15.57 11.81 -19.82
N CYS A 462 14.91 12.23 -20.90
CA CYS A 462 15.51 12.15 -22.23
C CYS A 462 16.54 13.25 -22.45
N LEU A 463 16.12 14.51 -22.34
CA LEU A 463 17.03 15.65 -22.49
C LEU A 463 17.92 15.81 -21.27
N GLN B 1 -10.46 16.38 -30.43
CA GLN B 1 -11.80 16.26 -31.00
C GLN B 1 -12.73 17.30 -30.38
N VAL B 2 -12.15 18.33 -29.77
CA VAL B 2 -12.89 19.42 -29.15
C VAL B 2 -12.48 20.71 -29.84
N GLN B 3 -13.44 21.38 -30.48
CA GLN B 3 -13.19 22.61 -31.20
C GLN B 3 -13.81 23.79 -30.47
N LEU B 4 -13.18 24.95 -30.64
CA LEU B 4 -13.67 26.21 -30.11
C LEU B 4 -13.93 27.16 -31.28
N GLN B 5 -15.17 27.64 -31.39
CA GLN B 5 -15.60 28.48 -32.51
C GLN B 5 -15.92 29.87 -31.97
N GLU B 6 -14.98 30.79 -32.12
CA GLU B 6 -15.17 32.18 -31.72
C GLU B 6 -15.83 32.96 -32.86
N SER B 7 -16.45 34.07 -32.48
CA SER B 7 -17.15 34.92 -33.45
C SER B 7 -17.53 36.23 -32.78
N GLY B 8 -17.42 37.33 -33.53
CA GLY B 8 -17.97 38.59 -33.10
C GLY B 8 -17.00 39.74 -32.87
N GLY B 9 -15.73 39.57 -33.23
CA GLY B 9 -14.75 40.61 -33.07
C GLY B 9 -14.71 41.57 -34.24
N GLY B 10 -13.71 42.44 -34.23
CA GLY B 10 -13.46 43.33 -35.35
C GLY B 10 -13.12 44.75 -34.89
N LEU B 11 -13.37 45.71 -35.78
CA LEU B 11 -13.14 47.12 -35.49
C LEU B 11 -14.35 47.70 -34.78
N VAL B 12 -14.09 48.58 -33.82
CA VAL B 12 -15.16 49.27 -33.11
C VAL B 12 -14.63 50.60 -32.58
N GLN B 13 -15.46 51.63 -32.63
CA GLN B 13 -15.06 52.94 -32.14
C GLN B 13 -14.98 52.91 -30.62
N ALA B 14 -14.16 53.82 -30.07
CA ALA B 14 -13.99 53.89 -28.63
C ALA B 14 -15.31 54.21 -27.94
N GLY B 15 -15.61 53.47 -26.87
CA GLY B 15 -16.90 53.55 -26.23
C GLY B 15 -17.95 52.60 -26.78
N GLY B 16 -17.73 52.03 -27.96
CA GLY B 16 -18.67 51.11 -28.56
C GLY B 16 -18.76 49.80 -27.79
N SER B 17 -19.58 48.90 -28.33
CA SER B 17 -19.84 47.62 -27.70
C SER B 17 -19.84 46.51 -28.74
N LEU B 18 -19.38 45.33 -28.33
CA LEU B 18 -19.41 44.15 -29.18
C LEU B 18 -19.78 42.94 -28.34
N ARG B 19 -20.08 41.84 -29.01
CA ARG B 19 -20.44 40.59 -28.35
C ARG B 19 -19.58 39.48 -28.92
N LEU B 20 -18.79 38.83 -28.08
CA LEU B 20 -18.01 37.68 -28.45
C LEU B 20 -18.75 36.42 -28.04
N SER B 21 -18.71 35.41 -28.88
CA SER B 21 -19.35 34.13 -28.59
C SER B 21 -18.38 33.00 -28.91
N CYS B 22 -18.49 31.91 -28.16
CA CYS B 22 -17.65 30.74 -28.37
C CYS B 22 -18.53 29.51 -28.28
N ALA B 23 -18.60 28.75 -29.37
CA ALA B 23 -19.36 27.52 -29.43
C ALA B 23 -18.41 26.33 -29.31
N ALA B 24 -18.59 25.53 -28.25
CA ALA B 24 -17.73 24.39 -27.99
C ALA B 24 -18.30 23.15 -28.66
N SER B 25 -17.45 22.46 -29.43
CA SER B 25 -17.85 21.30 -30.21
C SER B 25 -17.21 20.04 -29.62
N GLY B 26 -18.03 19.05 -29.32
CA GLY B 26 -17.56 17.78 -28.82
C GLY B 26 -17.93 17.58 -27.36
N SER B 27 -17.60 16.39 -26.87
CA SER B 27 -17.88 16.03 -25.50
C SER B 27 -16.98 16.81 -24.54
N ILE B 28 -17.58 17.34 -23.48
CA ILE B 28 -16.86 18.05 -22.43
C ILE B 28 -17.41 17.59 -21.09
N PHE B 29 -16.52 17.41 -20.11
CA PHE B 29 -16.94 17.02 -18.78
C PHE B 29 -17.79 18.12 -18.16
N ALA B 30 -18.81 17.70 -17.40
CA ALA B 30 -19.84 18.60 -16.89
C ALA B 30 -19.31 19.68 -15.95
N LEU B 31 -18.10 19.53 -15.42
CA LEU B 31 -17.49 20.52 -14.54
C LEU B 31 -16.33 21.17 -15.28
N ASN B 32 -16.50 22.44 -15.67
CA ASN B 32 -15.49 23.11 -16.48
C ASN B 32 -15.63 24.62 -16.30
N ILE B 33 -14.67 25.34 -16.86
CA ILE B 33 -14.66 26.80 -16.89
C ILE B 33 -14.47 27.25 -18.32
N MET B 34 -15.43 27.99 -18.85
CA MET B 34 -15.27 28.69 -20.12
C MET B 34 -14.96 30.16 -19.86
N GLY B 35 -14.21 30.77 -20.76
CA GLY B 35 -13.85 32.15 -20.56
C GLY B 35 -13.07 32.71 -21.72
N TRP B 36 -12.47 33.87 -21.47
CA TRP B 36 -11.73 34.60 -22.49
C TRP B 36 -10.47 35.17 -21.87
N TYR B 37 -9.32 34.88 -22.48
CA TYR B 37 -8.07 35.56 -22.20
C TYR B 37 -7.75 36.51 -23.34
N ARG B 38 -6.82 37.43 -23.10
CA ARG B 38 -6.45 38.40 -24.13
C ARG B 38 -4.96 38.72 -24.07
N GLN B 39 -4.41 39.03 -25.24
CA GLN B 39 -3.01 39.44 -25.39
C GLN B 39 -2.98 40.85 -25.98
N ALA B 40 -2.72 41.84 -25.12
CA ALA B 40 -2.57 43.22 -25.56
C ALA B 40 -1.24 43.40 -26.27
N PRO B 41 -1.11 44.45 -27.09
CA PRO B 41 0.18 44.73 -27.73
C PRO B 41 1.30 44.88 -26.71
N GLY B 42 2.33 44.07 -26.86
CA GLY B 42 3.48 44.12 -25.98
C GLY B 42 3.27 43.40 -24.66
N LYS B 43 2.01 43.30 -24.22
CA LYS B 43 1.70 42.67 -22.94
C LYS B 43 1.58 41.16 -23.09
N GLN B 44 1.33 40.50 -21.97
CA GLN B 44 1.23 39.04 -21.88
C GLN B 44 -0.22 38.62 -21.70
N ARG B 45 -0.46 37.31 -21.88
CA ARG B 45 -1.79 36.75 -21.78
C ARG B 45 -2.40 37.10 -20.43
N GLU B 46 -3.73 37.19 -20.39
CA GLU B 46 -4.40 37.76 -19.23
C GLU B 46 -5.87 37.33 -19.23
N LEU B 47 -6.34 36.88 -18.07
CA LEU B 47 -7.76 36.52 -17.94
C LEU B 47 -8.63 37.76 -18.08
N VAL B 48 -9.67 37.67 -18.90
CA VAL B 48 -10.66 38.73 -19.06
C VAL B 48 -11.95 38.39 -18.32
N ALA B 49 -12.62 37.33 -18.75
CA ALA B 49 -13.88 36.90 -18.13
C ALA B 49 -13.94 35.38 -18.14
N ALA B 50 -14.50 34.81 -17.07
CA ALA B 50 -14.62 33.36 -16.94
C ALA B 50 -15.96 33.04 -16.32
N ILE B 51 -16.51 31.88 -16.67
CA ILE B 51 -17.77 31.43 -16.10
C ILE B 51 -17.68 29.92 -15.86
N HIS B 52 -17.92 29.50 -14.62
CA HIS B 52 -17.92 28.09 -14.28
C HIS B 52 -19.16 27.41 -14.86
N SER B 53 -19.07 26.08 -15.02
CA SER B 53 -20.18 25.32 -15.57
C SER B 53 -21.44 25.39 -14.73
N GLY B 54 -21.36 25.96 -13.53
CA GLY B 54 -22.53 26.13 -12.69
C GLY B 54 -23.16 27.50 -12.84
N GLY B 55 -22.34 28.53 -13.02
CA GLY B 55 -22.86 29.87 -13.22
C GLY B 55 -22.06 30.98 -12.59
N THR B 56 -21.31 30.69 -11.54
CA THR B 56 -20.45 31.72 -10.96
C THR B 56 -19.42 32.20 -11.97
N THR B 57 -19.04 33.47 -11.88
CA THR B 57 -18.17 34.08 -12.87
C THR B 57 -16.99 34.77 -12.19
N ASN B 58 -16.02 35.13 -13.03
CA ASN B 58 -14.83 35.85 -12.60
C ASN B 58 -14.40 36.81 -13.70
N TYR B 59 -14.06 38.03 -13.31
CA TYR B 59 -13.60 39.06 -14.23
C TYR B 59 -12.27 39.61 -13.75
N ALA B 60 -11.51 40.18 -14.68
CA ALA B 60 -10.27 40.83 -14.32
C ALA B 60 -10.54 42.12 -13.56
N ASN B 61 -9.47 42.74 -13.07
CA ASN B 61 -9.61 44.02 -12.38
C ASN B 61 -10.11 45.10 -13.32
N SER B 62 -9.66 45.10 -14.57
CA SER B 62 -9.89 46.22 -15.47
C SER B 62 -11.27 46.21 -16.10
N VAL B 63 -11.94 45.06 -16.19
CA VAL B 63 -13.19 44.93 -16.93
C VAL B 63 -14.40 44.74 -16.04
N LYS B 64 -14.22 44.77 -14.71
CA LYS B 64 -15.34 44.63 -13.80
C LYS B 64 -16.30 45.81 -13.97
N GLY B 65 -17.58 45.50 -14.16
CA GLY B 65 -18.60 46.48 -14.41
C GLY B 65 -18.72 46.90 -15.86
N ARG B 66 -17.63 46.83 -16.62
CA ARG B 66 -17.66 47.13 -18.04
C ARG B 66 -17.94 45.88 -18.88
N PHE B 67 -17.35 44.75 -18.52
CA PHE B 67 -17.59 43.50 -19.24
C PHE B 67 -18.53 42.58 -18.44
N THR B 68 -19.23 41.72 -19.17
CA THR B 68 -20.20 40.81 -18.57
C THR B 68 -20.20 39.51 -19.38
N ILE B 69 -20.13 38.38 -18.67
CA ILE B 69 -20.11 37.06 -19.30
C ILE B 69 -21.39 36.33 -18.93
N SER B 70 -21.85 35.47 -19.84
CA SER B 70 -23.08 34.72 -19.62
C SER B 70 -23.02 33.45 -20.47
N ARG B 71 -23.80 32.45 -20.04
CA ARG B 71 -23.77 31.13 -20.64
C ARG B 71 -25.04 30.88 -21.45
N ASP B 72 -24.89 30.08 -22.50
CA ASP B 72 -26.05 29.67 -23.28
C ASP B 72 -26.91 28.70 -22.46
N ASN B 73 -28.13 28.47 -22.95
CA ASN B 73 -29.11 27.65 -22.24
C ASN B 73 -28.53 26.27 -21.98
N ALA B 74 -28.31 25.50 -23.05
CA ALA B 74 -27.48 24.29 -22.97
C ALA B 74 -26.89 24.08 -24.37
N ALA B 75 -25.72 24.68 -24.61
CA ALA B 75 -25.00 24.47 -25.86
C ALA B 75 -23.50 24.44 -25.69
N ASN B 76 -22.98 24.52 -24.46
CA ASN B 76 -21.55 24.76 -24.22
C ASN B 76 -21.08 26.02 -24.93
N THR B 77 -21.99 26.97 -25.15
CA THR B 77 -21.70 28.24 -25.80
C THR B 77 -21.69 29.35 -24.76
N VAL B 78 -20.75 30.29 -24.91
CA VAL B 78 -20.60 31.39 -23.97
C VAL B 78 -20.60 32.71 -24.76
N TYR B 79 -21.05 33.78 -24.11
CA TYR B 79 -21.08 35.11 -24.69
C TYR B 79 -20.39 36.09 -23.76
N LEU B 80 -19.39 36.80 -24.27
CA LEU B 80 -18.74 37.89 -23.54
C LEU B 80 -19.18 39.21 -24.17
N GLN B 81 -20.12 39.89 -23.53
CA GLN B 81 -20.53 41.21 -23.97
C GLN B 81 -19.60 42.25 -23.39
N MET B 82 -19.04 43.09 -24.26
CA MET B 82 -18.08 44.13 -23.90
C MET B 82 -18.70 45.48 -24.19
N ASN B 83 -18.82 46.32 -23.17
CA ASN B 83 -19.42 47.64 -23.29
C ASN B 83 -18.42 48.72 -22.91
N SER B 84 -18.71 49.95 -23.36
CA SER B 84 -17.95 51.15 -23.01
C SER B 84 -16.45 50.90 -23.08
N LEU B 85 -15.99 50.57 -24.28
CA LEU B 85 -14.63 50.10 -24.48
C LEU B 85 -13.60 51.20 -24.27
N LYS B 86 -12.35 50.78 -24.23
CA LYS B 86 -11.20 51.63 -24.08
C LYS B 86 -10.15 51.24 -25.12
N PRO B 87 -9.14 52.08 -25.34
CA PRO B 87 -8.02 51.66 -26.18
C PRO B 87 -7.13 50.59 -25.53
N GLU B 88 -7.20 50.40 -24.21
CA GLU B 88 -6.45 49.32 -23.58
C GLU B 88 -7.04 47.96 -23.89
N ASP B 89 -8.31 47.89 -24.29
CA ASP B 89 -8.97 46.64 -24.59
C ASP B 89 -8.67 46.14 -26.01
N THR B 90 -7.74 46.78 -26.72
CA THR B 90 -7.25 46.26 -27.98
C THR B 90 -6.33 45.08 -27.70
N ALA B 91 -6.72 43.91 -28.18
CA ALA B 91 -5.97 42.67 -27.92
C ALA B 91 -6.52 41.57 -28.81
N VAL B 92 -5.92 40.39 -28.70
CA VAL B 92 -6.45 39.18 -29.32
C VAL B 92 -7.15 38.39 -28.23
N TYR B 93 -8.43 38.10 -28.43
CA TYR B 93 -9.23 37.44 -27.41
C TYR B 93 -9.35 35.96 -27.73
N TYR B 94 -8.80 35.13 -26.86
CA TYR B 94 -8.82 33.68 -27.01
C TYR B 94 -9.93 33.09 -26.16
N CYS B 95 -10.78 32.27 -26.76
CA CYS B 95 -11.77 31.52 -26.01
C CYS B 95 -11.11 30.34 -25.32
N ASN B 96 -11.41 30.15 -24.04
CA ASN B 96 -10.74 29.16 -23.21
C ASN B 96 -11.74 28.20 -22.58
N VAL B 97 -11.36 26.92 -22.48
CA VAL B 97 -12.14 25.89 -21.82
C VAL B 97 -11.20 25.08 -20.94
N LYS B 98 -11.44 25.08 -19.64
CA LYS B 98 -10.65 24.29 -18.69
C LYS B 98 -11.48 23.07 -18.28
N ASP B 99 -11.03 21.89 -18.70
CA ASP B 99 -11.73 20.65 -18.43
C ASP B 99 -11.17 20.00 -17.16
N PHE B 100 -12.07 19.53 -16.29
CA PHE B 100 -11.71 18.90 -15.03
C PHE B 100 -11.87 17.38 -15.06
N GLY B 101 -11.94 16.79 -16.25
CA GLY B 101 -12.23 15.36 -16.35
C GLY B 101 -11.28 14.49 -15.55
N ALA B 102 -9.97 14.69 -15.74
CA ALA B 102 -8.97 13.98 -14.94
C ALA B 102 -8.82 14.73 -13.63
N ILE B 103 -9.56 14.27 -12.62
CA ILE B 103 -9.90 15.03 -11.43
C ILE B 103 -8.71 15.78 -10.83
N ILE B 104 -7.50 15.24 -10.98
CA ILE B 104 -6.37 15.83 -10.27
C ILE B 104 -5.87 17.11 -10.94
N TYR B 105 -5.98 17.22 -12.27
CA TYR B 105 -5.47 18.37 -13.00
C TYR B 105 -6.49 18.86 -14.02
N ASP B 106 -6.31 20.10 -14.46
CA ASP B 106 -7.16 20.68 -15.48
C ASP B 106 -6.50 20.59 -16.84
N TYR B 107 -7.32 20.49 -17.88
CA TYR B 107 -6.86 20.34 -19.26
C TYR B 107 -7.49 21.44 -20.10
N ASP B 108 -6.65 22.27 -20.74
CA ASP B 108 -7.11 23.45 -21.44
C ASP B 108 -7.41 23.17 -22.91
N TYR B 109 -8.40 23.88 -23.42
CA TYR B 109 -8.62 24.04 -24.85
C TYR B 109 -8.66 25.52 -25.16
N TRP B 110 -8.22 25.89 -26.36
CA TRP B 110 -8.16 27.29 -26.74
C TRP B 110 -8.79 27.51 -28.10
N GLY B 111 -9.07 28.78 -28.40
CA GLY B 111 -9.56 29.17 -29.71
C GLY B 111 -8.45 29.76 -30.56
N GLN B 112 -8.75 29.91 -31.86
CA GLN B 112 -7.78 30.48 -32.79
C GLN B 112 -7.39 31.90 -32.41
N GLY B 113 -8.28 32.63 -31.75
CA GLY B 113 -8.09 34.03 -31.45
C GLY B 113 -8.95 34.90 -32.36
N THR B 114 -9.39 36.04 -31.82
CA THR B 114 -10.14 37.02 -32.60
C THR B 114 -9.62 38.39 -32.26
N GLN B 115 -9.30 39.17 -33.29
CA GLN B 115 -8.74 40.50 -33.08
C GLN B 115 -9.84 41.50 -32.74
N VAL B 116 -9.52 42.41 -31.82
CA VAL B 116 -10.41 43.49 -31.41
C VAL B 116 -9.56 44.74 -31.23
N THR B 117 -9.77 45.74 -32.08
CA THR B 117 -9.04 47.01 -32.00
C THR B 117 -10.01 48.14 -31.75
N VAL B 118 -9.56 49.12 -30.97
CA VAL B 118 -10.37 50.23 -30.51
C VAL B 118 -9.63 51.52 -30.82
N SER B 119 -10.27 52.42 -31.57
CA SER B 119 -9.66 53.66 -32.04
C SER B 119 -10.03 54.80 -31.11
N SER B 120 -9.02 55.42 -30.50
CA SER B 120 -9.23 56.54 -29.57
C SER B 120 -9.94 57.73 -30.24
CAA G1I C . 1.09 2.24 9.48
CAB G1I C . 0.30 3.14 10.03
CAC G1I C . -0.41 2.85 11.36
CAD G1I C . -0.23 1.69 11.96
CAE G1I C . 0.68 0.65 11.32
CAF G1I C . 1.28 0.89 10.17
CAG G1I C . 0.83 -0.67 12.06
CAH G1I C . 2.10 -1.47 11.73
CAI G1I C . 3.01 -0.76 10.73
CAJ G1I C . 2.18 -0.19 9.59
CAO G1I C . 5.05 -1.89 11.17
NAN G1I C . 3.99 -1.69 10.21
OAK G1I C . -0.87 1.41 13.18
OAL G1I C . -1.24 3.82 11.93
OAM G1I C . 3.00 0.33 8.59
NA NA D . 13.13 -5.30 20.80
#